data_5MTD
#
_entry.id   5MTD
#
_cell.length_a   64.260
_cell.length_b   64.260
_cell.length_c   125.690
_cell.angle_alpha   90.00
_cell.angle_beta   90.00
_cell.angle_gamma   120.00
#
_symmetry.space_group_name_H-M   'P 32 2 1'
#
loop_
_entity.id
_entity.type
_entity.pdbx_description
1 polymer 'Putative uncharacterized protein orf60T'
2 non-polymer 'TRIETHYLENE GLYCOL'
3 non-polymer 'ZINC ION'
4 non-polymer 'NICKEL (II) ION'
5 water water
#
_entity_poly.entity_id   1
_entity_poly.type   'polypeptide(L)'
_entity_poly.pdbx_seq_one_letter_code
;MKILKDDAPELHAIAAEVPHGEDVKDLVLDMTAAMTAAGGIGLAGNQVGVLKRIIVLRCPTFKGCVINPIITRHTDGHVY
SPEGCLSYPGKTVAKKRRNKVVVEGYDMDWQPITIAAKGLTAFCLQHEIDHLNGVTI
;
_entity_poly.pdbx_strand_id   A,B
#
# COMPACT_ATOMS: atom_id res chain seq x y z
N MET A 1 -6.51 -6.03 -7.52
CA MET A 1 -7.64 -5.06 -7.58
C MET A 1 -7.25 -3.77 -8.29
N LYS A 2 -8.22 -2.91 -8.49
CA LYS A 2 -7.99 -1.62 -9.10
C LYS A 2 -8.75 -0.59 -8.28
N ILE A 3 -8.16 0.58 -8.08
CA ILE A 3 -8.88 1.71 -7.51
C ILE A 3 -9.82 2.18 -8.62
N LEU A 4 -11.12 2.11 -8.36
CA LEU A 4 -12.12 2.51 -9.35
C LEU A 4 -11.96 3.97 -9.75
N LYS A 5 -12.35 4.30 -10.99
CA LYS A 5 -12.36 5.70 -11.47
C LYS A 5 -13.30 6.59 -10.66
N ASP A 6 -13.01 7.89 -10.63
CA ASP A 6 -13.78 8.84 -9.82
C ASP A 6 -15.28 8.89 -10.17
N ASP A 7 -15.64 8.41 -11.37
CA ASP A 7 -17.05 8.36 -11.77
C ASP A 7 -17.72 6.98 -11.61
N ALA A 8 -17.08 6.07 -10.88
CA ALA A 8 -17.64 4.75 -10.64
C ALA A 8 -18.90 4.83 -9.76
N PRO A 9 -19.99 4.14 -10.16
CA PRO A 9 -21.20 4.16 -9.34
C PRO A 9 -21.03 3.52 -7.96
N GLU A 10 -20.10 2.58 -7.85
CA GLU A 10 -19.86 1.88 -6.59
C GLU A 10 -19.48 2.85 -5.47
N LEU A 11 -18.90 3.99 -5.85
CA LEU A 11 -18.50 4.99 -4.86
C LEU A 11 -19.68 5.62 -4.12
N HIS A 12 -20.87 5.54 -4.73
CA HIS A 12 -22.06 6.12 -4.13
C HIS A 12 -23.03 5.10 -3.58
N ALA A 13 -22.73 3.84 -3.82
CA ALA A 13 -23.56 2.73 -3.35
C ALA A 13 -23.30 2.43 -1.88
N ILE A 14 -24.24 1.72 -1.27
CA ILE A 14 -24.13 1.29 0.12
C ILE A 14 -23.53 -0.11 0.16
N ALA A 15 -22.43 -0.26 0.90
CA ALA A 15 -21.81 -1.57 1.08
C ALA A 15 -22.66 -2.42 2.04
N ALA A 16 -22.76 -3.72 1.74
CA ALA A 16 -23.55 -4.66 2.54
C ALA A 16 -22.78 -5.20 3.73
N GLU A 17 -23.49 -5.32 4.85
CA GLU A 17 -22.98 -6.01 6.02
C GLU A 17 -22.37 -7.35 5.63
N VAL A 18 -21.21 -7.66 6.19
CA VAL A 18 -20.59 -8.95 5.98
C VAL A 18 -21.25 -9.95 6.93
N PRO A 19 -21.83 -11.05 6.37
CA PRO A 19 -22.40 -12.08 7.23
C PRO A 19 -21.37 -12.58 8.24
N HIS A 20 -21.80 -12.75 9.49
CA HIS A 20 -20.89 -13.09 10.56
C HIS A 20 -20.17 -14.40 10.27
N GLY A 21 -18.85 -14.36 10.38
CA GLY A 21 -18.03 -15.54 10.15
C GLY A 21 -17.59 -15.78 8.71
N GLU A 22 -18.08 -14.98 7.76
CA GLU A 22 -17.69 -15.13 6.36
C GLU A 22 -16.17 -14.98 6.21
N ASP A 23 -15.56 -15.85 5.41
CA ASP A 23 -14.12 -15.80 5.17
C ASP A 23 -13.77 -14.59 4.32
N VAL A 24 -13.13 -13.60 4.94
CA VAL A 24 -12.75 -12.35 4.27
C VAL A 24 -11.22 -12.19 4.13
N LYS A 25 -10.47 -13.23 4.46
CA LYS A 25 -9.01 -13.09 4.54
C LYS A 25 -8.34 -12.68 3.23
N ASP A 26 -8.69 -13.34 2.12
CA ASP A 26 -8.14 -12.99 0.82
C ASP A 26 -8.57 -11.60 0.37
N LEU A 27 -9.83 -11.26 0.63
CA LEU A 27 -10.34 -9.94 0.27
C LEU A 27 -9.53 -8.86 1.01
N VAL A 28 -9.32 -9.04 2.31
CA VAL A 28 -8.54 -8.09 3.11
C VAL A 28 -7.10 -7.98 2.60
N LEU A 29 -6.51 -9.12 2.24
CA LEU A 29 -5.17 -9.13 1.66
C LEU A 29 -5.15 -8.31 0.37
N ASP A 30 -6.10 -8.57 -0.54
CA ASP A 30 -6.21 -7.84 -1.80
C ASP A 30 -6.40 -6.33 -1.55
N MET A 31 -7.26 -5.99 -0.58
CA MET A 31 -7.57 -4.59 -0.29
C MET A 31 -6.35 -3.88 0.28
N THR A 32 -5.66 -4.55 1.19
CA THR A 32 -4.43 -3.99 1.78
C THR A 32 -3.39 -3.74 0.68
N ALA A 33 -3.21 -4.73 -0.19
CA ALA A 33 -2.31 -4.57 -1.35
C ALA A 33 -2.67 -3.39 -2.26
N ALA A 34 -3.98 -3.18 -2.47
CA ALA A 34 -4.44 -2.08 -3.31
C ALA A 34 -4.14 -0.75 -2.63
N MET A 35 -4.40 -0.69 -1.32
CA MET A 35 -4.17 0.53 -0.57
C MET A 35 -2.69 0.91 -0.60
N THR A 36 -1.81 -0.05 -0.32
CA THR A 36 -0.39 0.28 -0.28
C THR A 36 0.18 0.60 -1.66
N ALA A 37 -0.30 -0.11 -2.69
CA ALA A 37 0.14 0.15 -4.07
C ALA A 37 -0.18 1.58 -4.51
N ALA A 38 -1.29 2.12 -4.00
CA ALA A 38 -1.74 3.45 -4.35
C ALA A 38 -1.18 4.52 -3.41
N GLY A 39 -0.41 4.08 -2.42
CA GLY A 39 0.21 4.98 -1.45
C GLY A 39 -0.77 5.58 -0.48
N GLY A 40 -1.81 4.84 -0.14
CA GLY A 40 -2.85 5.34 0.75
C GLY A 40 -2.66 4.98 2.22
N ILE A 41 -3.46 5.59 3.08
CA ILE A 41 -3.45 5.28 4.50
C ILE A 41 -4.77 4.64 4.93
N GLY A 42 -5.72 4.58 4.00
CA GLY A 42 -6.99 3.91 4.28
C GLY A 42 -7.63 3.53 2.97
N LEU A 43 -8.52 2.54 3.01
CA LEU A 43 -9.26 2.10 1.84
C LEU A 43 -10.53 1.39 2.26
N ALA A 44 -11.63 1.60 1.52
CA ALA A 44 -12.89 0.96 1.82
C ALA A 44 -13.30 0.07 0.65
N GLY A 45 -14.11 -0.95 0.94
CA GLY A 45 -14.53 -1.91 -0.09
C GLY A 45 -15.04 -1.24 -1.36
N ASN A 46 -15.90 -0.23 -1.21
CA ASN A 46 -16.49 0.40 -2.42
C ASN A 46 -15.43 0.86 -3.42
N GLN A 47 -14.27 1.28 -2.91
CA GLN A 47 -13.27 1.92 -3.76
C GLN A 47 -12.58 0.96 -4.71
N VAL A 48 -12.71 -0.33 -4.40
CA VAL A 48 -12.16 -1.40 -5.25
C VAL A 48 -13.28 -2.29 -5.80
N GLY A 49 -14.51 -1.77 -5.74
CA GLY A 49 -15.66 -2.44 -6.34
C GLY A 49 -16.24 -3.55 -5.49
N VAL A 50 -15.84 -3.60 -4.22
CA VAL A 50 -16.31 -4.60 -3.26
C VAL A 50 -17.38 -3.97 -2.38
N LEU A 51 -18.66 -4.28 -2.63
CA LEU A 51 -19.75 -3.65 -1.88
C LEU A 51 -20.02 -4.42 -0.58
N LYS A 52 -18.98 -4.49 0.25
CA LYS A 52 -19.03 -5.16 1.54
C LYS A 52 -18.41 -4.24 2.56
N ARG A 53 -18.90 -4.30 3.80
CA ARG A 53 -18.48 -3.34 4.83
C ARG A 53 -17.16 -3.77 5.44
N ILE A 54 -16.09 -3.47 4.69
CA ILE A 54 -14.73 -3.79 5.07
C ILE A 54 -13.90 -2.55 4.82
N ILE A 55 -13.12 -2.15 5.83
CA ILE A 55 -12.10 -1.10 5.65
C ILE A 55 -10.72 -1.62 6.07
N VAL A 56 -9.69 -1.06 5.43
CA VAL A 56 -8.30 -1.31 5.82
C VAL A 56 -7.63 0.03 6.06
N LEU A 57 -6.70 0.06 7.01
CA LEU A 57 -6.08 1.30 7.46
C LEU A 57 -4.61 1.12 7.75
N ARG A 58 -3.85 2.18 7.54
CA ARG A 58 -2.47 2.26 8.01
C ARG A 58 -2.30 3.66 8.60
N CYS A 59 -3.00 3.93 9.71
CA CYS A 59 -3.04 5.25 10.35
C CYS A 59 -2.14 5.28 11.60
N PRO A 60 -1.78 6.48 12.09
CA PRO A 60 -0.81 6.58 13.21
C PRO A 60 -1.11 5.69 14.42
N THR A 61 -2.39 5.55 14.80
CA THR A 61 -2.70 4.73 15.99
C THR A 61 -3.53 3.47 15.68
N PHE A 62 -3.73 3.18 14.39
CA PHE A 62 -4.34 1.91 14.00
C PHE A 62 -3.96 1.45 12.61
N LYS A 63 -3.44 0.22 12.55
CA LYS A 63 -3.06 -0.43 11.31
C LYS A 63 -3.74 -1.79 11.26
N GLY A 64 -4.53 -2.02 10.22
CA GLY A 64 -5.24 -3.28 10.07
C GLY A 64 -6.58 -3.13 9.43
N CYS A 65 -7.40 -4.15 9.55
CA CYS A 65 -8.73 -4.15 8.97
C CYS A 65 -9.83 -3.98 10.03
N VAL A 66 -11.00 -3.53 9.58
CA VAL A 66 -12.18 -3.61 10.41
C VAL A 66 -13.32 -4.14 9.54
N ILE A 67 -13.96 -5.20 10.01
CA ILE A 67 -15.11 -5.77 9.33
C ILE A 67 -16.37 -5.26 10.03
N ASN A 68 -17.34 -4.78 9.25
CA ASN A 68 -18.55 -4.17 9.80
C ASN A 68 -18.29 -3.05 10.81
N PRO A 69 -17.43 -2.09 10.44
CA PRO A 69 -17.09 -1.01 11.38
C PRO A 69 -18.29 -0.12 11.69
N ILE A 70 -18.44 0.20 12.97
CA ILE A 70 -19.47 1.14 13.43
C ILE A 70 -18.86 2.14 14.41
N ILE A 71 -19.35 3.38 14.39
CA ILE A 71 -18.96 4.38 15.38
C ILE A 71 -19.90 4.28 16.58
N THR A 72 -19.36 3.91 17.74
CA THR A 72 -20.20 3.75 18.92
C THR A 72 -20.19 4.94 19.89
N ARG A 73 -19.18 5.79 19.77
CA ARG A 73 -19.06 7.01 20.57
C ARG A 73 -18.24 8.04 19.81
N HIS A 74 -18.56 9.31 20.02
CA HIS A 74 -17.77 10.38 19.42
C HIS A 74 -17.90 11.64 20.26
N THR A 75 -16.92 12.53 20.13
CA THR A 75 -17.01 13.85 20.73
C THR A 75 -18.08 14.71 20.05
N ASP A 76 -18.64 15.66 20.79
CA ASP A 76 -19.54 16.65 20.21
C ASP A 76 -18.75 17.68 19.42
N GLY A 77 -19.44 18.38 18.54
CA GLY A 77 -18.80 19.36 17.67
C GLY A 77 -17.92 18.73 16.61
N HIS A 78 -17.28 19.60 15.83
CA HIS A 78 -16.42 19.16 14.74
C HIS A 78 -15.12 19.97 14.71
N VAL A 79 -14.11 19.37 14.08
CA VAL A 79 -12.82 20.01 13.87
C VAL A 79 -12.41 19.89 12.40
N TYR A 80 -11.36 20.62 12.03
CA TYR A 80 -10.82 20.74 10.68
C TYR A 80 -10.02 19.52 10.29
N SER A 81 -10.39 18.90 9.17
CA SER A 81 -9.63 17.77 8.65
C SER A 81 -9.44 17.89 7.13
N PRO A 82 -8.24 18.30 6.70
CA PRO A 82 -7.99 18.36 5.26
C PRO A 82 -7.72 16.94 4.76
N GLU A 83 -8.49 16.48 3.78
CA GLU A 83 -8.38 15.09 3.35
C GLU A 83 -8.28 14.95 1.87
N GLY A 84 -7.44 14.01 1.43
CA GLY A 84 -7.51 13.50 0.08
C GLY A 84 -8.25 12.17 0.07
N CYS A 85 -8.21 11.52 -1.08
CA CYS A 85 -8.89 10.26 -1.28
C CYS A 85 -8.28 9.57 -2.48
N LEU A 86 -8.04 8.27 -2.35
CA LEU A 86 -7.44 7.52 -3.45
C LEU A 86 -8.34 7.49 -4.67
N SER A 87 -9.65 7.64 -4.47
CA SER A 87 -10.60 7.65 -5.57
C SER A 87 -10.64 8.99 -6.29
N TYR A 88 -10.07 10.02 -5.68
CA TYR A 88 -10.09 11.38 -6.27
C TYR A 88 -8.68 11.97 -6.26
N PRO A 89 -7.77 11.36 -7.03
CA PRO A 89 -6.39 11.89 -7.04
C PRO A 89 -6.32 13.38 -7.35
N GLY A 90 -5.49 14.08 -6.59
CA GLY A 90 -5.26 15.50 -6.80
C GLY A 90 -6.17 16.42 -6.03
N LYS A 91 -7.23 15.88 -5.42
CA LYS A 91 -8.22 16.69 -4.70
C LYS A 91 -7.99 16.63 -3.20
N THR A 92 -7.93 17.80 -2.54
CA THR A 92 -7.95 17.87 -1.07
C THR A 92 -9.18 18.67 -0.66
N VAL A 93 -9.92 18.17 0.33
CA VAL A 93 -11.11 18.86 0.82
C VAL A 93 -11.00 19.08 2.31
N ALA A 94 -11.36 20.27 2.76
CA ALA A 94 -11.38 20.58 4.19
C ALA A 94 -12.69 20.04 4.75
N LYS A 95 -12.62 18.92 5.47
CA LYS A 95 -13.80 18.26 6.00
C LYS A 95 -14.03 18.65 7.46
N LYS A 96 -15.27 18.56 7.91
CA LYS A 96 -15.58 18.63 9.33
C LYS A 96 -15.65 17.21 9.85
N ARG A 97 -14.92 16.95 10.92
CA ARG A 97 -14.87 15.59 11.48
C ARG A 97 -15.01 15.67 12.98
N ARG A 98 -15.43 14.56 13.57
CA ARG A 98 -15.35 14.44 15.03
C ARG A 98 -13.88 14.28 15.39
N ASN A 99 -13.45 14.97 16.44
CA ASN A 99 -12.05 14.87 16.87
C ASN A 99 -11.70 13.50 17.45
N LYS A 100 -12.66 12.89 18.13
CA LYS A 100 -12.45 11.55 18.70
C LYS A 100 -13.63 10.65 18.37
N VAL A 101 -13.32 9.40 18.04
CA VAL A 101 -14.35 8.39 17.83
C VAL A 101 -13.89 7.10 18.48
N VAL A 102 -14.86 6.24 18.79
CA VAL A 102 -14.58 4.85 19.08
C VAL A 102 -15.25 4.06 17.97
N VAL A 103 -14.48 3.20 17.32
CA VAL A 103 -15.01 2.35 16.25
C VAL A 103 -14.96 0.91 16.73
N GLU A 104 -16.05 0.17 16.48
CA GLU A 104 -16.10 -1.24 16.82
C GLU A 104 -16.42 -2.07 15.60
N GLY A 105 -16.00 -3.33 15.63
CA GLY A 105 -16.29 -4.24 14.54
C GLY A 105 -15.57 -5.54 14.84
N TYR A 106 -15.12 -6.20 13.78
CA TYR A 106 -14.46 -7.50 13.88
C TYR A 106 -13.18 -7.50 13.09
N ASP A 107 -12.21 -8.29 13.54
CA ASP A 107 -10.99 -8.46 12.78
C ASP A 107 -11.19 -9.62 11.81
N MET A 108 -10.13 -9.97 11.06
CA MET A 108 -10.25 -10.99 10.01
C MET A 108 -10.53 -12.39 10.57
N ASP A 109 -10.30 -12.56 11.87
CA ASP A 109 -10.58 -13.83 12.56
C ASP A 109 -11.91 -13.80 13.31
N TRP A 110 -12.67 -12.74 13.06
CA TRP A 110 -13.99 -12.53 13.68
C TRP A 110 -13.92 -12.38 15.18
N GLN A 111 -12.80 -11.83 15.65
CA GLN A 111 -12.70 -11.38 17.05
C GLN A 111 -13.18 -9.95 17.13
N PRO A 112 -13.96 -9.63 18.18
CA PRO A 112 -14.47 -8.27 18.28
C PRO A 112 -13.33 -7.31 18.59
N ILE A 113 -13.31 -6.18 17.88
CA ILE A 113 -12.30 -5.17 18.16
C ILE A 113 -12.90 -3.82 18.47
N THR A 114 -12.15 -3.01 19.22
CA THR A 114 -12.55 -1.67 19.58
C THR A 114 -11.35 -0.78 19.34
N ILE A 115 -11.59 0.35 18.70
CA ILE A 115 -10.54 1.32 18.37
C ILE A 115 -10.92 2.70 18.91
N ALA A 116 -10.17 3.17 19.90
CA ALA A 116 -10.33 4.54 20.38
C ALA A 116 -9.34 5.41 19.64
N ALA A 117 -9.84 6.36 18.86
CA ALA A 117 -9.01 7.16 17.96
C ALA A 117 -9.27 8.64 18.11
N LYS A 118 -8.22 9.43 17.91
CA LYS A 118 -8.30 10.89 17.93
C LYS A 118 -7.48 11.42 16.75
N GLY A 119 -7.77 12.65 16.34
CA GLY A 119 -7.01 13.32 15.27
C GLY A 119 -6.97 12.53 13.97
N LEU A 120 -5.81 12.49 13.34
CA LEU A 120 -5.64 11.84 12.03
C LEU A 120 -6.28 10.45 11.92
N THR A 121 -6.03 9.58 12.90
CA THR A 121 -6.59 8.24 12.86
C THR A 121 -8.13 8.25 12.94
N ALA A 122 -8.67 9.12 13.79
CA ALA A 122 -10.13 9.30 13.84
C ALA A 122 -10.69 9.80 12.52
N PHE A 123 -9.99 10.74 11.87
CA PHE A 123 -10.41 11.23 10.55
C PHE A 123 -10.41 10.13 9.50
N CYS A 124 -9.33 9.35 9.48
CA CYS A 124 -9.12 8.13 8.65
C CYS A 124 -10.38 7.25 8.78
N LEU A 125 -10.70 6.90 10.02
CA LEU A 125 -11.81 5.98 10.28
C LEU A 125 -13.14 6.53 9.77
N GLN A 126 -13.39 7.81 10.02
CA GLN A 126 -14.66 8.43 9.62
C GLN A 126 -14.76 8.47 8.09
N HIS A 127 -13.65 8.81 7.44
CA HIS A 127 -13.56 8.87 5.99
C HIS A 127 -13.86 7.49 5.38
N GLU A 128 -13.26 6.45 5.94
CA GLU A 128 -13.48 5.10 5.36
C GLU A 128 -14.87 4.57 5.60
N ILE A 129 -15.42 4.82 6.79
CA ILE A 129 -16.79 4.42 7.07
C ILE A 129 -17.75 5.16 6.15
N ASP A 130 -17.48 6.45 5.92
CA ASP A 130 -18.31 7.22 4.97
C ASP A 130 -18.38 6.50 3.61
N HIS A 131 -17.23 6.03 3.11
CA HIS A 131 -17.22 5.30 1.83
C HIS A 131 -18.25 4.19 1.80
N LEU A 132 -18.38 3.44 2.91
CA LEU A 132 -19.27 2.29 2.95
C LEU A 132 -20.73 2.68 2.83
N ASN A 133 -21.01 3.94 3.13
CA ASN A 133 -22.35 4.52 2.98
C ASN A 133 -22.53 5.30 1.68
N GLY A 134 -21.53 5.21 0.80
CA GLY A 134 -21.56 5.91 -0.49
C GLY A 134 -21.28 7.39 -0.37
N VAL A 135 -20.63 7.77 0.72
CA VAL A 135 -20.35 9.18 0.98
C VAL A 135 -18.86 9.44 0.74
N THR A 136 -18.58 10.45 -0.10
CA THR A 136 -17.23 10.78 -0.51
C THR A 136 -16.93 12.25 -0.22
N ILE A 137 -15.64 12.61 -0.19
CA ILE A 137 -15.24 14.00 0.12
C ILE A 137 -15.62 14.99 -1.01
N MET B 1 27.77 3.28 -0.23
CA MET B 1 26.47 3.82 0.26
C MET B 1 25.78 2.80 1.17
N LYS B 2 25.46 3.25 2.38
CA LYS B 2 24.91 2.42 3.46
C LYS B 2 23.48 1.95 3.19
N ILE B 3 23.19 0.71 3.60
CA ILE B 3 21.82 0.19 3.58
C ILE B 3 21.16 0.39 4.94
N LEU B 4 19.98 1.01 4.91
CA LEU B 4 19.22 1.31 6.12
C LEU B 4 18.57 0.05 6.65
N LYS B 5 18.45 -0.01 7.97
CA LYS B 5 18.05 -1.24 8.61
C LYS B 5 16.94 -1.04 9.64
N ASP B 6 16.21 -2.14 9.85
CA ASP B 6 15.11 -2.24 10.83
C ASP B 6 14.27 -1.02 11.16
N ASP B 7 14.68 -0.22 12.14
CA ASP B 7 13.85 0.91 12.60
C ASP B 7 14.00 2.21 11.79
N ALA B 8 14.71 2.18 10.68
CA ALA B 8 14.97 3.42 9.94
C ALA B 8 13.65 3.96 9.39
N PRO B 9 13.31 5.22 9.72
CA PRO B 9 12.03 5.81 9.32
C PRO B 9 11.78 5.76 7.81
N GLU B 10 12.86 5.87 7.03
CA GLU B 10 12.74 5.90 5.58
C GLU B 10 12.11 4.63 5.04
N LEU B 11 12.28 3.54 5.79
CA LEU B 11 11.77 2.23 5.36
C LEU B 11 10.24 2.15 5.40
N HIS B 12 9.61 3.04 6.17
CA HIS B 12 8.15 3.07 6.23
C HIS B 12 7.55 4.33 5.66
N ALA B 13 8.38 5.09 4.93
CA ALA B 13 7.93 6.27 4.22
C ALA B 13 7.60 5.91 2.79
N ILE B 14 6.80 6.75 2.14
CA ILE B 14 6.45 6.55 0.75
C ILE B 14 7.40 7.37 -0.13
N ALA B 15 8.06 6.68 -1.07
CA ALA B 15 8.99 7.34 -1.99
C ALA B 15 8.23 8.16 -3.04
N ALA B 16 8.83 9.28 -3.45
CA ALA B 16 8.22 10.19 -4.41
C ALA B 16 8.59 9.79 -5.84
N GLU B 17 7.62 9.92 -6.75
CA GLU B 17 7.85 9.77 -8.18
C GLU B 17 9.08 10.56 -8.63
N VAL B 18 9.90 9.94 -9.46
CA VAL B 18 11.04 10.67 -10.05
C VAL B 18 10.52 11.58 -11.15
N PRO B 19 10.85 12.87 -11.07
CA PRO B 19 10.43 13.76 -12.15
C PRO B 19 10.93 13.25 -13.51
N HIS B 20 10.08 13.40 -14.52
CA HIS B 20 10.40 12.81 -15.82
C HIS B 20 11.68 13.41 -16.41
N GLY B 21 12.56 12.51 -16.83
CA GLY B 21 13.80 12.91 -17.47
C GLY B 21 14.95 13.18 -16.50
N GLU B 22 14.67 13.10 -15.20
CA GLU B 22 15.70 13.39 -14.20
C GLU B 22 16.86 12.41 -14.30
N ASP B 23 18.08 12.95 -14.18
CA ASP B 23 19.30 12.16 -14.24
C ASP B 23 19.44 11.31 -12.98
N VAL B 24 19.25 9.99 -13.15
CA VAL B 24 19.25 9.01 -12.05
C VAL B 24 20.43 8.04 -12.14
N LYS B 25 21.23 8.17 -13.19
CA LYS B 25 22.22 7.16 -13.58
C LYS B 25 23.18 6.81 -12.45
N ASP B 26 23.73 7.85 -11.82
CA ASP B 26 24.68 7.71 -10.73
C ASP B 26 24.06 7.02 -9.50
N LEU B 27 22.85 7.44 -9.13
CA LEU B 27 22.16 6.82 -8.01
C LEU B 27 21.95 5.33 -8.29
N VAL B 28 21.61 5.00 -9.53
CA VAL B 28 21.38 3.62 -9.93
C VAL B 28 22.66 2.79 -9.83
N LEU B 29 23.78 3.36 -10.26
CA LEU B 29 25.08 2.74 -10.06
C LEU B 29 25.35 2.47 -8.58
N ASP B 30 25.12 3.48 -7.75
CA ASP B 30 25.32 3.35 -6.30
C ASP B 30 24.47 2.24 -5.70
N MET B 31 23.20 2.21 -6.09
CA MET B 31 22.27 1.19 -5.60
C MET B 31 22.70 -0.19 -6.04
N THR B 32 23.16 -0.30 -7.29
CA THR B 32 23.62 -1.57 -7.83
C THR B 32 24.83 -2.07 -7.05
N ALA B 33 25.78 -1.17 -6.77
CA ALA B 33 26.96 -1.50 -5.97
C ALA B 33 26.59 -1.92 -4.54
N ALA B 34 25.68 -1.19 -3.90
CA ALA B 34 25.30 -1.50 -2.52
C ALA B 34 24.59 -2.84 -2.42
N MET B 35 23.70 -3.12 -3.37
CA MET B 35 22.99 -4.39 -3.45
C MET B 35 23.99 -5.54 -3.63
N THR B 36 24.94 -5.35 -4.55
CA THR B 36 25.92 -6.39 -4.85
C THR B 36 26.84 -6.63 -3.66
N ALA B 37 27.31 -5.55 -3.02
CA ALA B 37 28.24 -5.68 -1.89
C ALA B 37 27.65 -6.46 -0.73
N ALA B 38 26.35 -6.27 -0.53
CA ALA B 38 25.63 -6.94 0.57
C ALA B 38 25.08 -8.32 0.16
N GLY B 39 25.28 -8.70 -1.10
CA GLY B 39 24.84 -9.99 -1.62
C GLY B 39 23.35 -10.15 -1.87
N GLY B 40 22.66 -9.03 -2.12
CA GLY B 40 21.22 -9.04 -2.37
C GLY B 40 20.84 -9.21 -3.83
N ILE B 41 19.55 -9.45 -4.08
CA ILE B 41 19.00 -9.55 -5.44
C ILE B 41 18.04 -8.40 -5.79
N GLY B 42 17.75 -7.54 -4.83
CA GLY B 42 16.94 -6.34 -5.09
C GLY B 42 17.28 -5.24 -4.11
N LEU B 43 16.95 -4.00 -4.47
CA LEU B 43 17.15 -2.86 -3.58
C LEU B 43 16.25 -1.74 -4.05
N ALA B 44 15.68 -1.02 -3.10
CA ALA B 44 14.80 0.10 -3.40
C ALA B 44 15.37 1.40 -2.82
N GLY B 45 14.95 2.52 -3.39
CA GLY B 45 15.48 3.83 -2.97
C GLY B 45 15.42 4.03 -1.46
N ASN B 46 14.28 3.68 -0.86
CA ASN B 46 14.10 3.87 0.59
C ASN B 46 15.27 3.27 1.37
N GLN B 47 15.76 2.12 0.90
CA GLN B 47 16.76 1.36 1.64
C GLN B 47 18.14 2.02 1.66
N VAL B 48 18.35 3.01 0.80
CA VAL B 48 19.58 3.79 0.87
C VAL B 48 19.30 5.22 1.29
N GLY B 49 18.12 5.46 1.84
CA GLY B 49 17.73 6.79 2.33
C GLY B 49 17.34 7.80 1.26
N VAL B 50 17.00 7.32 0.06
CA VAL B 50 16.64 8.20 -1.04
C VAL B 50 15.18 7.90 -1.38
N LEU B 51 14.31 8.81 -0.99
CA LEU B 51 12.87 8.60 -1.13
C LEU B 51 12.40 8.95 -2.54
N LYS B 52 12.98 8.22 -3.50
CA LYS B 52 12.63 8.31 -4.92
C LYS B 52 12.20 6.94 -5.38
N ARG B 53 11.28 6.91 -6.34
CA ARG B 53 10.71 5.64 -6.78
C ARG B 53 11.61 4.93 -7.81
N ILE B 54 12.67 4.31 -7.30
CA ILE B 54 13.64 3.60 -8.12
C ILE B 54 13.92 2.28 -7.46
N ILE B 55 13.94 1.22 -8.27
CA ILE B 55 14.36 -0.09 -7.80
C ILE B 55 15.45 -0.64 -8.69
N VAL B 56 16.31 -1.46 -8.11
CA VAL B 56 17.30 -2.24 -8.86
C VAL B 56 17.13 -3.72 -8.49
N LEU B 57 17.35 -4.59 -9.49
CA LEU B 57 17.15 -6.03 -9.35
C LEU B 57 18.24 -6.81 -10.05
N ARG B 58 18.55 -7.98 -9.52
CA ARG B 58 19.35 -8.99 -10.21
C ARG B 58 18.64 -10.33 -10.01
N CYS B 59 17.56 -10.50 -10.76
CA CYS B 59 16.71 -11.68 -10.63
C CYS B 59 16.73 -12.49 -11.91
N PRO B 60 16.26 -13.76 -11.84
CA PRO B 60 16.45 -14.67 -12.97
C PRO B 60 15.98 -14.15 -14.33
N THR B 61 14.88 -13.39 -14.37
CA THR B 61 14.37 -12.88 -15.66
C THR B 61 14.32 -11.37 -15.78
N PHE B 62 14.90 -10.68 -14.80
CA PHE B 62 15.12 -9.25 -14.91
C PHE B 62 16.32 -8.78 -14.09
N LYS B 63 17.25 -8.14 -14.78
CA LYS B 63 18.44 -7.58 -14.18
C LYS B 63 18.58 -6.14 -14.67
N GLY B 64 18.56 -5.21 -13.73
CA GLY B 64 18.67 -3.79 -14.04
C GLY B 64 17.74 -2.99 -13.15
N CYS B 65 17.39 -1.80 -13.61
CA CYS B 65 16.59 -0.90 -12.80
C CYS B 65 15.21 -0.67 -13.39
N VAL B 66 14.31 -0.18 -12.54
CA VAL B 66 13.06 0.40 -13.01
C VAL B 66 12.86 1.70 -12.27
N ILE B 67 12.61 2.76 -13.05
CA ILE B 67 12.28 4.08 -12.53
C ILE B 67 10.75 4.22 -12.56
N ASN B 68 10.16 4.69 -11.46
CA ASN B 68 8.70 4.81 -11.34
C ASN B 68 7.95 3.53 -11.69
N PRO B 69 8.35 2.41 -11.07
CA PRO B 69 7.68 1.14 -11.39
C PRO B 69 6.25 1.12 -10.86
N ILE B 70 5.36 0.46 -11.59
CA ILE B 70 3.99 0.28 -11.15
C ILE B 70 3.50 -1.06 -11.65
N ILE B 71 2.85 -1.83 -10.78
CA ILE B 71 2.25 -3.09 -11.22
C ILE B 71 0.96 -2.75 -11.96
N THR B 72 0.85 -3.19 -13.21
CA THR B 72 -0.35 -2.85 -13.99
C THR B 72 -1.25 -4.06 -14.21
N ARG B 73 -0.71 -5.25 -14.02
CA ARG B 73 -1.47 -6.49 -14.20
C ARG B 73 -0.90 -7.52 -13.25
N HIS B 74 -1.76 -8.42 -12.78
CA HIS B 74 -1.32 -9.55 -11.95
C HIS B 74 -2.31 -10.68 -11.98
N THR B 75 -1.83 -11.87 -11.64
CA THR B 75 -2.73 -13.02 -11.47
C THR B 75 -3.67 -12.84 -10.26
N ASP B 76 -4.80 -13.55 -10.26
CA ASP B 76 -5.68 -13.53 -9.10
C ASP B 76 -5.06 -14.32 -7.97
N GLY B 77 -5.47 -13.99 -6.75
CA GLY B 77 -5.03 -14.74 -5.57
C GLY B 77 -3.54 -14.59 -5.33
N HIS B 78 -3.00 -15.49 -4.51
CA HIS B 78 -1.64 -15.38 -4.03
C HIS B 78 -0.97 -16.76 -3.92
N VAL B 79 0.36 -16.75 -3.91
CA VAL B 79 1.18 -17.94 -3.70
C VAL B 79 2.23 -17.64 -2.64
N TYR B 80 2.85 -18.70 -2.15
CA TYR B 80 3.90 -18.66 -1.13
C TYR B 80 5.24 -18.17 -1.68
N SER B 81 5.82 -17.19 -1.00
CA SER B 81 7.13 -16.67 -1.35
C SER B 81 7.96 -16.41 -0.08
N PRO B 82 8.93 -17.29 0.21
CA PRO B 82 9.80 -17.04 1.36
C PRO B 82 10.86 -16.01 0.98
N GLU B 83 10.94 -14.94 1.76
CA GLU B 83 11.78 -13.80 1.43
C GLU B 83 12.64 -13.31 2.57
N GLY B 84 13.83 -12.84 2.21
CA GLY B 84 14.67 -12.04 3.09
C GLY B 84 14.66 -10.59 2.62
N CYS B 85 15.49 -9.77 3.24
CA CYS B 85 15.61 -8.35 2.90
C CYS B 85 16.91 -7.84 3.46
N LEU B 86 17.66 -7.09 2.64
CA LEU B 86 18.93 -6.53 3.09
C LEU B 86 18.79 -5.55 4.26
N SER B 87 17.58 -5.01 4.43
CA SER B 87 17.30 -4.10 5.55
C SER B 87 17.01 -4.85 6.85
N TYR B 88 16.84 -6.17 6.76
CA TYR B 88 16.51 -7.01 7.92
C TYR B 88 17.39 -8.25 7.94
N PRO B 89 18.71 -8.07 8.18
CA PRO B 89 19.60 -9.22 8.22
C PRO B 89 19.13 -10.28 9.19
N GLY B 90 19.15 -11.54 8.76
CA GLY B 90 18.78 -12.66 9.63
C GLY B 90 17.28 -12.97 9.67
N LYS B 91 16.48 -12.23 8.91
CA LYS B 91 15.02 -12.42 8.93
C LYS B 91 14.51 -13.07 7.65
N THR B 92 13.64 -14.07 7.79
CA THR B 92 12.91 -14.63 6.65
C THR B 92 11.41 -14.57 6.95
N VAL B 93 10.63 -14.23 5.94
CA VAL B 93 9.18 -14.14 6.10
C VAL B 93 8.50 -14.89 4.96
N ALA B 94 7.56 -15.77 5.30
CA ALA B 94 6.70 -16.39 4.28
C ALA B 94 5.70 -15.33 3.84
N LYS B 95 5.92 -14.79 2.64
CA LYS B 95 5.05 -13.75 2.10
C LYS B 95 3.97 -14.36 1.20
N LYS B 96 2.86 -13.65 1.08
CA LYS B 96 1.84 -13.96 0.07
C LYS B 96 2.02 -13.02 -1.11
N ARG B 97 2.26 -13.59 -2.29
CA ARG B 97 2.61 -12.80 -3.46
C ARG B 97 1.78 -13.22 -4.66
N ARG B 98 1.62 -12.31 -5.62
CA ARG B 98 1.05 -12.69 -6.90
C ARG B 98 2.07 -13.55 -7.63
N ASN B 99 1.59 -14.63 -8.25
CA ASN B 99 2.51 -15.49 -8.97
C ASN B 99 3.05 -14.82 -10.24
N LYS B 100 2.23 -14.01 -10.89
CA LYS B 100 2.69 -13.29 -12.09
C LYS B 100 2.30 -11.84 -12.00
N VAL B 101 3.19 -10.97 -12.48
CA VAL B 101 2.89 -9.56 -12.56
C VAL B 101 3.37 -8.98 -13.87
N VAL B 102 2.80 -7.84 -14.23
CA VAL B 102 3.37 -6.96 -15.26
C VAL B 102 3.69 -5.64 -14.57
N VAL B 103 4.94 -5.20 -14.71
CA VAL B 103 5.40 -3.93 -14.14
C VAL B 103 5.74 -2.99 -15.29
N GLU B 104 5.27 -1.75 -15.20
CA GLU B 104 5.63 -0.74 -16.19
C GLU B 104 6.41 0.35 -15.49
N GLY B 105 7.26 1.01 -16.24
CA GLY B 105 8.06 2.11 -15.74
C GLY B 105 9.01 2.59 -16.81
N TYR B 106 10.19 3.04 -16.40
CA TYR B 106 11.19 3.56 -17.33
C TYR B 106 12.56 2.98 -17.01
N ASP B 107 13.42 2.89 -18.01
CA ASP B 107 14.80 2.51 -17.74
C ASP B 107 15.60 3.79 -17.47
N MET B 108 16.91 3.62 -17.28
CA MET B 108 17.80 4.77 -17.05
C MET B 108 17.81 5.81 -18.16
N ASP B 109 17.53 5.38 -19.39
CA ASP B 109 17.50 6.30 -20.54
C ASP B 109 16.14 6.96 -20.69
N TRP B 110 15.28 6.75 -19.70
CA TRP B 110 13.89 7.23 -19.77
C TRP B 110 13.07 6.67 -20.93
N GLN B 111 13.46 5.47 -21.37
CA GLN B 111 12.67 4.70 -22.33
C GLN B 111 11.58 3.95 -21.54
N PRO B 112 10.32 4.05 -21.99
CA PRO B 112 9.29 3.23 -21.32
C PRO B 112 9.57 1.74 -21.45
N ILE B 113 9.41 1.02 -20.33
CA ILE B 113 9.60 -0.42 -20.32
C ILE B 113 8.41 -1.13 -19.67
N THR B 114 8.21 -2.37 -20.06
CA THR B 114 7.20 -3.24 -19.49
C THR B 114 7.89 -4.57 -19.21
N ILE B 115 7.68 -5.10 -18.01
CA ILE B 115 8.29 -6.35 -17.59
C ILE B 115 7.19 -7.30 -17.15
N ALA B 116 7.06 -8.41 -17.86
CA ALA B 116 6.19 -9.50 -17.46
C ALA B 116 7.07 -10.53 -16.76
N ALA B 117 6.71 -10.85 -15.51
CA ALA B 117 7.51 -11.73 -14.68
C ALA B 117 6.64 -12.73 -13.94
N LYS B 118 7.23 -13.87 -13.59
CA LYS B 118 6.55 -14.89 -12.80
C LYS B 118 7.52 -15.44 -11.77
N GLY B 119 7.00 -16.07 -10.72
CA GLY B 119 7.88 -16.77 -9.77
C GLY B 119 8.84 -15.81 -9.08
N LEU B 120 10.08 -16.25 -8.89
CA LEU B 120 11.07 -15.48 -8.13
C LEU B 120 11.16 -14.02 -8.59
N THR B 121 11.23 -13.81 -9.92
CA THR B 121 11.39 -12.45 -10.43
C THR B 121 10.16 -11.59 -10.11
N ALA B 122 8.98 -12.19 -10.25
CA ALA B 122 7.75 -11.51 -9.85
C ALA B 122 7.77 -11.16 -8.36
N PHE B 123 8.27 -12.09 -7.54
CA PHE B 123 8.33 -11.87 -6.08
C PHE B 123 9.30 -10.71 -5.77
N CYS B 124 10.45 -10.69 -6.44
CA CYS B 124 11.41 -9.60 -6.22
C CYS B 124 10.81 -8.24 -6.58
N LEU B 125 10.15 -8.16 -7.73
CA LEU B 125 9.56 -6.90 -8.15
C LEU B 125 8.53 -6.42 -7.13
N GLN B 126 7.69 -7.33 -6.63
CA GLN B 126 6.68 -6.96 -5.63
C GLN B 126 7.31 -6.49 -4.32
N HIS B 127 8.36 -7.20 -3.90
CA HIS B 127 9.09 -6.85 -2.68
C HIS B 127 9.70 -5.45 -2.77
N GLU B 128 10.32 -5.14 -3.91
CA GLU B 128 10.96 -3.85 -4.06
C GLU B 128 9.95 -2.72 -4.22
N ILE B 129 8.88 -2.96 -4.98
CA ILE B 129 7.84 -1.97 -5.11
C ILE B 129 7.20 -1.73 -3.73
N ASP B 130 6.99 -2.79 -2.95
CA ASP B 130 6.50 -2.61 -1.59
C ASP B 130 7.34 -1.60 -0.81
N HIS B 131 8.67 -1.72 -0.93
CA HIS B 131 9.55 -0.79 -0.21
C HIS B 131 9.20 0.67 -0.56
N LEU B 132 8.95 0.93 -1.85
CA LEU B 132 8.65 2.31 -2.27
C LEU B 132 7.37 2.82 -1.64
N ASN B 133 6.52 1.87 -1.27
CA ASN B 133 5.24 2.19 -0.64
C ASN B 133 5.27 2.10 0.88
N GLY B 134 6.48 2.03 1.44
CA GLY B 134 6.68 2.04 2.89
C GLY B 134 6.35 0.72 3.55
N VAL B 135 6.40 -0.36 2.76
CA VAL B 135 6.01 -1.69 3.23
C VAL B 135 7.23 -2.60 3.26
N THR B 136 7.46 -3.21 4.43
CA THR B 136 8.55 -4.13 4.64
C THR B 136 8.00 -5.52 5.01
N ILE B 137 8.84 -6.54 4.87
CA ILE B 137 8.42 -7.92 5.20
C ILE B 137 8.25 -8.16 6.70
#